data_5AG4
#
_entry.id   5AG4
#
_cell.length_a   48.710
_cell.length_b   90.884
_cell.length_c   53.867
_cell.angle_alpha   90.00
_cell.angle_beta   113.48
_cell.angle_gamma   90.00
#
_symmetry.space_group_name_H-M   'P 1 21 1'
#
loop_
_entity.id
_entity.type
_entity.pdbx_description
1 polymer 'GLYCYLPEPTIDE N-TETRADECANOYLTRANSFERASE'
2 non-polymer TETRADECANOYL-COA
3 non-polymer (2S)-3-(3-chlorophenyl)-2-(pyridin-2-yl)-1,3-thiazolidin-4-one
4 water water
#
_entity_poly.entity_id   1
_entity_poly.type   'polypeptide(L)'
_entity_poly.pdbx_seq_one_letter_code
;MGSSHHHHHHSSGRENLYFQGPSNSDAAHAFWSTQPVPQTEDETEKIVFAGPMDEPKTVADIPEEPYPIASTFEWWTPNM
EAADDIHAIYELLRDNYVEDDDSMFRFNYSEEFLQWALCPPNYIPDWHVAVRRKADKKLLAFIAGVPVTLRMGTPKYMKV
KAQEKGEGEEAAKYDEPRHICEINFLCVHKQLREKRLAPILIKEATRRVNRTNVWQAVYTAGVLLPTPYASGQYFHRSLN
PEKLVEIRFSGIPAQYQKFQNPMAMLKRNYQLPSAPKNSGLREMKPSDVPQVRRILMNYLDSFDVGPVFSDAEISHYLLP
RDGVVFTYVVENDKKVTDFFSFYRIPSTVIGNSNYNLLNAAYVHYYAATSIPLHQLILDLLIVAHSRGFDVCNMVEILDN
RSFVEQLKFGAGDGHLRYYFYNWAYPKIKPSQVALVML
;
_entity_poly.pdbx_strand_id   A
#
loop_
_chem_comp.id
_chem_comp.type
_chem_comp.name
_chem_comp.formula
MYA non-polymer TETRADECANOYL-COA 'C35 H62 N7 O17 P3 S'
N8N non-polymer (2S)-3-(3-chlorophenyl)-2-(pyridin-2-yl)-1,3-thiazolidin-4-one 'C14 H11 Cl N2 O S'
#
# COMPACT_ATOMS: atom_id res chain seq x y z
N ALA A 28 14.26 18.29 -13.74
CA ALA A 28 15.60 17.62 -13.66
C ALA A 28 15.78 16.93 -12.29
N HIS A 29 16.49 15.80 -12.26
CA HIS A 29 16.56 15.01 -11.03
C HIS A 29 17.97 14.75 -10.50
N ALA A 30 18.53 15.65 -9.67
CA ALA A 30 19.89 15.47 -9.22
C ALA A 30 20.13 14.08 -8.50
N PHE A 31 19.11 13.55 -7.83
CA PHE A 31 19.25 12.28 -7.10
C PHE A 31 18.85 11.11 -8.01
N TRP A 32 17.63 11.13 -8.55
CA TRP A 32 17.06 9.97 -9.27
C TRP A 32 17.80 9.59 -10.55
N SER A 33 18.42 10.63 -11.19
CA SER A 33 19.38 10.42 -12.31
C SER A 33 20.64 9.59 -11.92
N THR A 34 21.03 9.58 -10.65
CA THR A 34 22.17 8.76 -10.23
C THR A 34 21.78 7.31 -9.87
N GLN A 35 20.48 6.97 -10.00
CA GLN A 35 19.95 5.71 -9.48
C GLN A 35 19.59 4.71 -10.54
N PRO A 36 19.67 3.41 -10.18
CA PRO A 36 19.34 2.38 -11.14
C PRO A 36 17.80 2.13 -11.22
N VAL A 37 17.13 3.08 -11.83
CA VAL A 37 15.72 3.05 -12.13
C VAL A 37 15.63 3.54 -13.58
N PRO A 38 14.60 3.13 -14.31
CA PRO A 38 14.32 3.69 -15.61
C PRO A 38 14.16 5.22 -15.55
N GLN A 39 14.69 5.91 -16.55
CA GLN A 39 14.84 7.37 -16.40
C GLN A 39 13.76 8.17 -17.15
N THR A 40 13.17 7.54 -18.16
CA THR A 40 12.10 8.14 -18.92
C THR A 40 10.96 7.13 -19.14
N GLU A 41 9.76 7.67 -19.37
CA GLU A 41 8.66 6.92 -19.94
C GLU A 41 9.07 6.13 -21.19
N ASP A 42 9.95 6.74 -22.00
CA ASP A 42 10.58 6.07 -23.15
C ASP A 42 11.27 4.74 -22.79
N GLU A 43 12.21 4.80 -21.85
CA GLU A 43 12.88 3.61 -21.33
C GLU A 43 11.89 2.49 -20.96
N THR A 44 10.86 2.73 -20.17
CA THR A 44 9.94 1.65 -19.78
C THR A 44 9.01 1.15 -20.89
N GLU A 45 8.82 1.94 -22.07
CA GLU A 45 8.08 1.40 -23.23
C GLU A 45 8.92 0.37 -24.00
N LYS A 46 10.23 0.60 -24.05
CA LYS A 46 11.17 -0.24 -24.78
C LYS A 46 11.51 -1.57 -24.02
N ILE A 47 11.12 -1.63 -22.74
CA ILE A 47 11.49 -2.78 -21.93
C ILE A 47 10.55 -3.94 -22.18
N VAL A 48 11.12 -5.14 -22.27
CA VAL A 48 10.28 -6.30 -22.41
C VAL A 48 10.63 -7.40 -21.42
N PHE A 49 11.86 -7.53 -20.98
CA PHE A 49 12.12 -8.56 -19.99
C PHE A 49 12.38 -7.96 -18.62
N ALA A 50 11.84 -8.62 -17.58
CA ALA A 50 12.26 -8.36 -16.17
C ALA A 50 13.71 -8.70 -15.97
N GLY A 51 14.37 -7.91 -15.15
CA GLY A 51 15.69 -8.20 -14.59
C GLY A 51 16.32 -6.96 -14.00
N PRO A 52 17.53 -7.11 -13.44
CA PRO A 52 18.15 -6.03 -12.73
C PRO A 52 18.70 -4.95 -13.68
N MET A 53 19.04 -3.77 -13.18
CA MET A 53 19.57 -2.71 -14.06
C MET A 53 21.03 -2.51 -13.76
N ASP A 54 21.37 -2.64 -12.49
CA ASP A 54 22.70 -2.27 -12.00
C ASP A 54 23.68 -3.39 -12.25
N GLU A 55 24.97 -3.09 -12.14
CA GLU A 55 26.03 -4.11 -12.06
C GLU A 55 25.80 -5.13 -10.93
N PRO A 56 26.10 -6.43 -11.19
CA PRO A 56 25.99 -7.36 -10.07
C PRO A 56 26.94 -6.98 -8.95
N LYS A 57 26.50 -7.04 -7.71
CA LYS A 57 27.41 -6.73 -6.65
C LYS A 57 27.24 -7.73 -5.56
N THR A 58 28.10 -7.61 -4.55
CA THR A 58 28.20 -8.56 -3.45
C THR A 58 28.06 -7.78 -2.18
N VAL A 59 27.57 -8.40 -1.13
CA VAL A 59 27.54 -7.78 0.17
C VAL A 59 28.91 -7.15 0.50
N ALA A 60 29.98 -7.86 0.17
CA ALA A 60 31.32 -7.40 0.46
C ALA A 60 31.66 -6.07 -0.29
N ASP A 61 31.09 -5.82 -1.50
CA ASP A 61 31.24 -4.53 -2.20
C ASP A 61 30.63 -3.35 -1.45
N ILE A 62 29.73 -3.64 -0.49
CA ILE A 62 28.94 -2.56 0.14
C ILE A 62 29.56 -2.05 1.38
N PRO A 63 29.59 -0.70 1.56
CA PRO A 63 30.23 -0.06 2.70
C PRO A 63 29.63 -0.58 4.00
N GLU A 64 30.50 -0.93 4.93
CA GLU A 64 30.02 -1.44 6.19
C GLU A 64 29.57 -0.29 7.08
N GLU A 65 29.99 0.93 6.77
CA GLU A 65 29.59 1.99 7.66
C GLU A 65 28.52 2.86 7.13
N PRO A 66 27.67 3.38 8.07
CA PRO A 66 26.53 4.14 7.61
C PRO A 66 27.02 5.32 6.81
N TYR A 67 26.19 5.75 5.86
CA TYR A 67 26.41 6.95 5.09
C TYR A 67 26.63 8.17 6.00
N PRO A 68 27.62 8.99 5.62
CA PRO A 68 28.01 10.10 6.47
C PRO A 68 26.81 11.03 6.56
N ILE A 69 26.54 11.59 7.72
CA ILE A 69 25.61 12.69 7.75
C ILE A 69 26.17 13.74 8.70
N ALA A 70 25.69 14.95 8.60
CA ALA A 70 26.17 16.04 9.49
C ALA A 70 26.25 15.71 11.00
N SER A 71 27.25 16.32 11.63
CA SER A 71 27.53 16.23 13.06
C SER A 71 26.33 16.38 14.03
N THR A 72 25.34 17.22 13.69
CA THR A 72 24.20 17.51 14.55
C THR A 72 23.20 16.34 14.57
N PHE A 73 23.33 15.41 13.61
CA PHE A 73 22.34 14.34 13.42
C PHE A 73 22.98 12.98 13.72
N GLU A 74 22.16 11.95 13.89
CA GLU A 74 22.66 10.59 14.02
C GLU A 74 21.60 9.61 13.46
N TRP A 75 22.09 8.54 12.87
CA TRP A 75 21.32 7.36 12.42
C TRP A 75 20.81 6.68 13.63
N TRP A 76 19.52 6.29 13.56
CA TRP A 76 18.87 5.55 14.64
C TRP A 76 18.07 4.39 14.10
N THR A 77 18.17 3.22 14.74
CA THR A 77 17.33 2.09 14.38
C THR A 77 16.26 1.98 15.48
N PRO A 78 15.02 2.39 15.18
CA PRO A 78 13.96 2.28 16.23
C PRO A 78 13.78 0.84 16.61
N ASN A 79 13.44 0.61 17.87
CA ASN A 79 13.04 -0.70 18.31
C ASN A 79 11.50 -0.78 18.23
N MET A 80 11.03 -1.66 17.35
CA MET A 80 9.60 -1.72 17.03
C MET A 80 8.78 -2.44 18.11
N GLU A 81 9.50 -3.01 19.06
CA GLU A 81 8.92 -3.62 20.26
C GLU A 81 8.89 -2.65 21.47
N ALA A 82 9.44 -1.43 21.29
CA ALA A 82 9.43 -0.34 22.27
C ALA A 82 8.27 0.65 22.03
N ALA A 83 7.34 0.77 22.98
CA ALA A 83 6.14 1.61 22.79
C ALA A 83 6.56 2.99 22.46
N ASP A 84 7.66 3.43 23.04
CA ASP A 84 8.09 4.80 22.85
C ASP A 84 8.81 5.11 21.54
N ASP A 85 9.49 4.10 20.97
CA ASP A 85 10.00 4.23 19.62
C ASP A 85 8.82 4.27 18.63
N ILE A 86 7.92 3.28 18.72
CA ILE A 86 6.64 3.37 17.98
C ILE A 86 5.97 4.72 18.15
N HIS A 87 5.67 5.16 19.37
CA HIS A 87 5.09 6.52 19.56
C HIS A 87 5.85 7.63 18.80
N ALA A 88 7.16 7.64 18.90
CA ALA A 88 7.95 8.70 18.25
C ALA A 88 7.78 8.74 16.73
N ILE A 89 7.75 7.55 16.11
CA ILE A 89 7.50 7.41 14.67
C ILE A 89 6.08 7.88 14.41
N TYR A 90 5.17 7.43 15.29
CA TYR A 90 3.75 7.82 15.16
C TYR A 90 3.56 9.36 15.10
N GLU A 91 4.29 10.04 15.99
CA GLU A 91 4.19 11.49 16.02
C GLU A 91 4.76 12.11 14.80
N LEU A 92 5.86 11.58 14.31
CA LEU A 92 6.48 12.20 13.12
C LEU A 92 5.51 12.09 11.95
N LEU A 93 4.95 10.90 11.75
CA LEU A 93 3.90 10.72 10.68
C LEU A 93 2.60 11.50 10.92
N ARG A 94 2.12 11.54 12.15
CA ARG A 94 0.90 12.33 12.47
C ARG A 94 1.04 13.79 12.04
N ASP A 95 2.22 14.37 12.26
CA ASP A 95 2.38 15.83 11.99
C ASP A 95 2.99 16.14 10.64
N ASN A 96 3.70 15.17 10.06
CA ASN A 96 4.46 15.45 8.83
C ASN A 96 4.27 14.51 7.62
N TYR A 97 3.36 13.56 7.71
CA TYR A 97 3.31 12.61 6.63
C TYR A 97 2.41 13.15 5.52
N VAL A 98 1.91 12.30 4.64
CA VAL A 98 1.24 12.74 3.42
C VAL A 98 -0.08 13.51 3.63
N GLU A 99 -0.18 14.66 2.97
CA GLU A 99 -1.40 15.48 3.03
C GLU A 99 -1.99 15.50 1.65
N ASP A 100 -3.26 15.86 1.52
CA ASP A 100 -3.81 16.13 0.18
C ASP A 100 -3.20 17.41 -0.34
N ASP A 101 -3.51 17.75 -1.59
CA ASP A 101 -2.98 18.93 -2.31
C ASP A 101 -3.44 20.25 -1.71
N ASP A 102 -4.61 20.17 -1.04
CA ASP A 102 -5.20 21.37 -0.43
C ASP A 102 -4.96 21.48 1.08
N SER A 103 -3.99 20.70 1.59
CA SER A 103 -3.76 20.65 3.04
C SER A 103 -5.03 20.74 3.89
N MET A 104 -5.97 19.83 3.62
CA MET A 104 -7.20 19.67 4.39
C MET A 104 -7.15 18.36 5.22
N PHE A 105 -6.34 17.43 4.74
CA PHE A 105 -6.27 16.13 5.35
C PHE A 105 -4.85 15.62 5.38
N ARG A 106 -4.53 14.80 6.39
CA ARG A 106 -3.17 14.23 6.53
C ARG A 106 -3.39 12.83 7.16
N PHE A 107 -2.68 11.80 6.68
CA PHE A 107 -2.92 10.48 7.24
C PHE A 107 -2.51 10.56 8.71
N ASN A 108 -3.23 9.78 9.52
CA ASN A 108 -2.97 9.62 10.94
C ASN A 108 -2.86 8.15 11.28
N TYR A 109 -1.92 7.47 10.65
CA TYR A 109 -1.75 6.08 11.00
C TYR A 109 -1.60 5.89 12.51
N SER A 110 -2.26 4.87 13.09
CA SER A 110 -2.19 4.67 14.55
C SER A 110 -0.89 3.95 14.93
N GLU A 111 -0.59 3.92 16.22
CA GLU A 111 0.53 3.15 16.73
C GLU A 111 0.46 1.68 16.47
N GLU A 112 -0.71 1.10 16.73
CA GLU A 112 -0.95 -0.31 16.52
C GLU A 112 -0.88 -0.61 15.01
N PHE A 113 -1.35 0.29 14.15
CA PHE A 113 -1.18 0.05 12.65
C PHE A 113 0.32 -0.02 12.28
N LEU A 114 1.10 0.89 12.86
CA LEU A 114 2.52 0.99 12.53
C LEU A 114 3.27 -0.23 13.07
N GLN A 115 2.88 -0.73 14.24
CA GLN A 115 3.57 -1.93 14.74
C GLN A 115 3.23 -3.11 13.82
N TRP A 116 1.99 -3.11 13.36
CA TRP A 116 1.54 -4.18 12.48
C TRP A 116 2.23 -4.08 11.12
N ALA A 117 2.36 -2.87 10.58
CA ALA A 117 2.88 -2.77 9.25
C ALA A 117 4.41 -2.90 9.26
N LEU A 118 5.05 -2.42 10.34
CA LEU A 118 6.50 -2.38 10.37
C LEU A 118 7.14 -3.70 10.84
N CYS A 119 6.36 -4.60 11.43
CA CYS A 119 6.91 -5.81 12.07
C CYS A 119 6.23 -7.08 11.56
N PRO A 120 6.23 -7.34 10.24
CA PRO A 120 5.70 -8.63 9.82
C PRO A 120 6.69 -9.76 10.13
N PRO A 121 6.26 -11.03 9.99
CA PRO A 121 7.20 -12.15 10.30
C PRO A 121 8.56 -12.05 9.57
N ASN A 122 9.64 -12.29 10.32
CA ASN A 122 10.98 -12.21 9.76
C ASN A 122 11.39 -10.78 9.31
N TYR A 123 10.72 -9.77 9.84
CA TYR A 123 11.19 -8.40 9.57
C TYR A 123 12.66 -8.19 10.05
N ILE A 124 13.32 -7.25 9.42
CA ILE A 124 14.74 -7.00 9.67
C ILE A 124 14.77 -5.66 10.35
N PRO A 125 15.08 -5.65 11.67
CA PRO A 125 15.02 -4.39 12.39
C PRO A 125 15.87 -3.31 11.70
N ASP A 126 17.03 -3.71 11.15
CA ASP A 126 17.98 -2.77 10.52
C ASP A 126 17.39 -1.99 9.34
N TRP A 127 16.36 -2.54 8.71
CA TRP A 127 15.74 -1.86 7.54
C TRP A 127 14.85 -0.72 7.95
N HIS A 128 14.69 -0.50 9.23
CA HIS A 128 13.93 0.65 9.64
C HIS A 128 14.95 1.71 9.99
N VAL A 129 14.95 2.73 9.14
CA VAL A 129 15.97 3.79 9.18
C VAL A 129 15.43 5.12 9.64
N ALA A 130 16.06 5.69 10.67
CA ALA A 130 15.64 7.00 11.19
C ALA A 130 16.82 7.94 11.40
N VAL A 131 16.57 9.24 11.28
CA VAL A 131 17.51 10.29 11.63
C VAL A 131 16.95 11.05 12.85
N ARG A 132 17.76 11.12 13.92
CA ARG A 132 17.50 11.99 15.10
C ARG A 132 18.47 13.15 15.23
N ARG A 133 17.98 14.20 15.84
CA ARG A 133 18.82 15.34 16.23
C ARG A 133 19.61 14.85 17.44
N LYS A 134 20.93 14.92 17.41
CA LYS A 134 21.78 14.32 18.50
C LYS A 134 21.51 14.94 19.88
N ALA A 135 21.35 16.26 19.90
CA ALA A 135 21.15 16.98 21.15
C ALA A 135 19.94 16.44 21.94
N ASP A 136 18.74 16.53 21.36
CA ASP A 136 17.47 16.26 22.05
C ASP A 136 16.77 14.95 21.66
N LYS A 137 17.42 14.11 20.85
CA LYS A 137 16.83 12.94 20.18
C LYS A 137 15.45 13.17 19.51
N LYS A 138 15.16 14.42 19.06
CA LYS A 138 13.98 14.64 18.21
C LYS A 138 14.09 13.88 16.83
N LEU A 139 13.06 13.10 16.50
CA LEU A 139 13.01 12.33 15.29
C LEU A 139 12.75 13.32 14.15
N LEU A 140 13.65 13.37 13.17
CA LEU A 140 13.49 14.34 12.09
C LEU A 140 13.13 13.72 10.73
N ALA A 141 13.36 12.43 10.58
CA ALA A 141 13.15 11.77 9.27
C ALA A 141 13.04 10.28 9.47
N PHE A 142 12.39 9.60 8.55
CA PHE A 142 12.20 8.16 8.73
C PHE A 142 11.98 7.53 7.37
N ILE A 143 12.33 6.25 7.21
CA ILE A 143 11.86 5.44 6.04
C ILE A 143 11.83 4.02 6.60
N ALA A 144 10.89 3.20 6.16
CA ALA A 144 10.86 1.80 6.56
C ALA A 144 10.97 0.83 5.38
N GLY A 145 11.76 -0.22 5.55
CA GLY A 145 11.73 -1.37 4.64
C GLY A 145 11.17 -2.59 5.30
N VAL A 146 10.34 -3.39 4.61
CA VAL A 146 10.04 -4.70 5.19
C VAL A 146 10.18 -5.78 4.11
N PRO A 147 10.36 -7.05 4.53
CA PRO A 147 10.52 -8.08 3.46
C PRO A 147 9.23 -8.36 2.77
N VAL A 148 9.31 -8.66 1.48
CA VAL A 148 8.16 -9.18 0.76
C VAL A 148 8.73 -10.17 -0.23
N THR A 149 7.97 -11.24 -0.46
CA THR A 149 8.32 -12.22 -1.45
C THR A 149 7.45 -11.89 -2.63
N LEU A 150 8.06 -11.42 -3.71
CA LEU A 150 7.25 -10.89 -4.82
C LEU A 150 7.47 -11.65 -6.13
N ARG A 151 6.40 -12.05 -6.80
CA ARG A 151 6.52 -12.43 -8.18
C ARG A 151 6.61 -11.17 -9.02
N MET A 152 7.58 -11.11 -9.90
CA MET A 152 7.98 -9.89 -10.58
C MET A 152 8.74 -10.28 -11.85
N GLY A 153 8.35 -11.43 -12.40
CA GLY A 153 8.94 -11.93 -13.68
C GLY A 153 8.26 -11.22 -14.86
N THR A 154 8.79 -11.45 -16.06
CA THR A 154 8.20 -10.95 -17.26
C THR A 154 6.69 -11.28 -17.26
N PRO A 155 5.85 -10.29 -17.56
CA PRO A 155 4.43 -10.52 -17.61
C PRO A 155 4.11 -11.63 -18.63
N LYS A 156 3.05 -12.41 -18.42
CA LYS A 156 2.66 -13.56 -19.27
C LYS A 156 2.65 -13.22 -20.75
N TYR A 157 2.21 -11.99 -21.07
CA TYR A 157 2.09 -11.54 -22.44
C TYR A 157 3.46 -11.42 -23.05
N MET A 158 4.29 -10.51 -22.54
CA MET A 158 5.66 -10.42 -23.02
C MET A 158 6.35 -11.82 -23.06
N LYS A 159 6.06 -12.71 -22.10
CA LYS A 159 6.60 -14.07 -22.04
C LYS A 159 6.23 -14.87 -23.31
N VAL A 160 5.02 -14.61 -23.82
CA VAL A 160 4.49 -15.32 -25.00
C VAL A 160 5.04 -14.77 -26.34
N LYS A 161 4.88 -13.47 -26.55
CA LYS A 161 5.61 -12.70 -27.55
C LYS A 161 7.10 -13.08 -27.63
N ALA A 162 7.69 -13.52 -26.51
CA ALA A 162 9.08 -13.94 -26.46
C ALA A 162 9.32 -15.31 -27.09
N GLN A 163 8.44 -16.29 -26.83
CA GLN A 163 8.49 -17.60 -27.51
C GLN A 163 8.38 -17.43 -29.03
N GLU A 164 7.39 -16.63 -29.43
CA GLU A 164 7.11 -16.37 -30.82
C GLU A 164 8.33 -15.82 -31.56
N LYS A 165 9.20 -15.10 -30.83
CA LYS A 165 10.47 -14.58 -31.36
C LYS A 165 11.71 -15.43 -30.98
N GLY A 166 11.49 -16.57 -30.31
CA GLY A 166 12.58 -17.47 -29.89
C GLY A 166 13.39 -17.16 -28.63
N GLU A 167 12.80 -16.46 -27.65
CA GLU A 167 13.57 -15.99 -26.47
C GLU A 167 12.97 -16.30 -25.10
N GLY A 168 12.35 -17.46 -24.97
CA GLY A 168 11.69 -17.83 -23.74
C GLY A 168 12.60 -17.98 -22.51
N GLU A 169 13.82 -18.51 -22.69
CA GLU A 169 14.64 -18.75 -21.53
C GLU A 169 14.94 -17.37 -20.88
N GLU A 170 15.16 -16.35 -21.74
CA GLU A 170 15.43 -15.00 -21.30
C GLU A 170 14.22 -14.37 -20.64
N ALA A 171 13.03 -14.59 -21.21
CA ALA A 171 11.82 -14.03 -20.65
C ALA A 171 11.55 -14.64 -19.27
N ALA A 172 11.84 -15.94 -19.09
CA ALA A 172 11.63 -16.65 -17.80
C ALA A 172 12.74 -16.60 -16.77
N LYS A 173 13.92 -16.09 -17.13
CA LYS A 173 15.02 -16.04 -16.15
C LYS A 173 14.58 -15.66 -14.73
N TYR A 174 13.67 -14.70 -14.57
CA TYR A 174 13.40 -14.24 -13.19
C TYR A 174 11.97 -14.52 -12.73
N ASP A 175 11.46 -15.72 -13.06
CA ASP A 175 10.06 -16.10 -12.80
C ASP A 175 9.84 -16.48 -11.37
N GLU A 176 10.87 -16.98 -10.73
CA GLU A 176 10.78 -17.40 -9.37
C GLU A 176 10.46 -16.17 -8.48
N PRO A 177 9.57 -16.34 -7.50
CA PRO A 177 9.33 -15.31 -6.47
C PRO A 177 10.64 -14.84 -5.80
N ARG A 178 10.79 -13.54 -5.59
CA ARG A 178 12.04 -13.00 -5.12
C ARG A 178 11.86 -12.37 -3.75
N HIS A 179 12.79 -12.60 -2.82
CA HIS A 179 12.68 -11.95 -1.52
C HIS A 179 13.34 -10.57 -1.66
N ILE A 180 12.51 -9.54 -1.59
CA ILE A 180 13.00 -8.19 -1.81
C ILE A 180 12.56 -7.29 -0.68
N CYS A 181 12.78 -5.98 -0.82
CA CYS A 181 12.41 -5.00 0.20
C CYS A 181 11.16 -4.22 -0.32
N GLU A 182 10.19 -4.02 0.57
CA GLU A 182 9.09 -3.12 0.29
C GLU A 182 9.30 -1.85 1.11
N ILE A 183 9.41 -0.69 0.46
CA ILE A 183 9.67 0.60 1.15
C ILE A 183 8.35 1.36 1.35
N ASN A 184 8.14 1.88 2.54
CA ASN A 184 6.96 2.74 2.84
C ASN A 184 7.37 3.75 3.94
N PHE A 185 6.52 4.77 4.17
CA PHE A 185 6.64 5.71 5.29
C PHE A 185 7.87 6.60 5.24
N LEU A 186 8.36 6.90 4.03
CA LEU A 186 9.43 7.91 3.93
C LEU A 186 8.80 9.24 4.44
N CYS A 187 9.45 9.88 5.40
CA CYS A 187 8.92 11.16 5.91
C CYS A 187 10.07 12.01 6.45
N VAL A 188 10.14 13.26 6.00
CA VAL A 188 11.08 14.24 6.53
C VAL A 188 10.25 15.34 7.26
N HIS A 189 10.65 15.65 8.47
CA HIS A 189 10.01 16.74 9.24
C HIS A 189 9.77 18.00 8.39
N LYS A 190 8.58 18.57 8.47
CA LYS A 190 8.31 19.83 7.72
C LYS A 190 9.38 20.94 7.88
N GLN A 191 9.99 21.03 9.04
CA GLN A 191 11.04 22.01 9.22
C GLN A 191 12.31 21.74 8.46
N LEU A 192 12.40 20.52 7.90
CA LEU A 192 13.66 20.09 7.27
C LEU A 192 13.54 19.83 5.79
N ARG A 193 12.38 20.18 5.23
CA ARG A 193 12.08 19.87 3.83
C ARG A 193 12.99 20.65 2.89
N GLU A 194 13.20 20.08 1.71
CA GLU A 194 14.00 20.66 0.62
C GLU A 194 15.45 20.99 1.02
N LYS A 195 15.95 20.24 2.00
CA LYS A 195 17.35 20.22 2.41
C LYS A 195 18.12 18.97 1.90
N ARG A 196 17.53 18.25 0.95
CA ARG A 196 18.19 17.06 0.37
C ARG A 196 18.41 15.98 1.41
N LEU A 197 17.60 15.98 2.45
CA LEU A 197 17.69 14.89 3.42
C LEU A 197 17.08 13.55 2.88
N ALA A 198 16.07 13.62 2.02
CA ALA A 198 15.42 12.34 1.58
C ALA A 198 16.37 11.43 0.75
N PRO A 199 17.17 11.99 -0.18
CA PRO A 199 18.22 11.20 -0.83
C PRO A 199 19.08 10.43 0.13
N ILE A 200 19.51 11.07 1.20
CA ILE A 200 20.44 10.46 2.15
C ILE A 200 19.79 9.29 2.88
N LEU A 201 18.52 9.45 3.22
CA LEU A 201 17.73 8.39 3.83
C LEU A 201 17.59 7.23 2.91
N ILE A 202 17.32 7.54 1.64
CA ILE A 202 17.19 6.49 0.65
C ILE A 202 18.53 5.77 0.37
N LYS A 203 19.64 6.50 0.23
CA LYS A 203 20.98 5.86 0.07
C LYS A 203 21.27 4.98 1.28
N GLU A 204 20.98 5.46 2.48
CA GLU A 204 21.24 4.62 3.67
C GLU A 204 20.33 3.42 3.79
N ALA A 205 19.04 3.58 3.50
CA ALA A 205 18.18 2.37 3.43
C ALA A 205 18.72 1.38 2.43
N THR A 206 19.05 1.89 1.27
CA THR A 206 19.59 1.05 0.24
C THR A 206 20.82 0.31 0.77
N ARG A 207 21.74 1.03 1.44
CA ARG A 207 22.99 0.37 1.92
C ARG A 207 22.61 -0.80 2.87
N ARG A 208 21.74 -0.52 3.80
CA ARG A 208 21.30 -1.55 4.79
C ARG A 208 20.68 -2.75 4.19
N VAL A 209 19.82 -2.55 3.17
CA VAL A 209 19.16 -3.62 2.47
C VAL A 209 20.18 -4.44 1.65
N ASN A 210 21.01 -3.76 0.87
CA ASN A 210 22.10 -4.39 0.14
C ASN A 210 23.04 -5.24 1.04
N ARG A 211 23.28 -4.76 2.26
CA ARG A 211 24.19 -5.45 3.25
C ARG A 211 23.52 -6.77 3.69
N THR A 212 22.23 -6.88 3.37
CA THR A 212 21.42 -8.02 3.74
C THR A 212 21.29 -8.90 2.51
N ASN A 213 22.02 -8.52 1.48
CA ASN A 213 22.06 -9.24 0.22
C ASN A 213 20.76 -9.18 -0.54
N VAL A 214 20.08 -8.02 -0.48
CA VAL A 214 18.83 -7.84 -1.23
C VAL A 214 19.04 -6.65 -2.19
N TRP A 215 18.62 -6.77 -3.46
CA TRP A 215 19.12 -5.86 -4.50
C TRP A 215 18.00 -5.10 -5.19
N GLN A 216 16.77 -5.55 -4.92
CA GLN A 216 15.56 -4.92 -5.45
C GLN A 216 14.65 -4.36 -4.36
N ALA A 217 13.84 -3.37 -4.72
CA ALA A 217 12.85 -2.88 -3.81
C ALA A 217 11.56 -2.56 -4.60
N VAL A 218 10.43 -2.56 -3.88
CA VAL A 218 9.16 -2.17 -4.47
C VAL A 218 8.59 -1.00 -3.60
N TYR A 219 8.11 0.04 -4.26
CA TYR A 219 7.55 1.18 -3.53
C TYR A 219 6.45 1.83 -4.32
N THR A 220 5.57 2.53 -3.63
CA THR A 220 4.57 3.30 -4.38
C THR A 220 4.67 4.74 -3.91
N ALA A 221 4.07 5.65 -4.71
CA ALA A 221 3.93 7.04 -4.29
C ALA A 221 2.75 7.68 -5.05
N GLY A 222 2.15 8.69 -4.43
CA GLY A 222 1.15 9.49 -5.06
C GLY A 222 1.84 10.42 -6.07
N VAL A 223 3.13 10.69 -5.89
CA VAL A 223 3.85 11.57 -6.84
C VAL A 223 4.48 10.83 -8.01
N LEU A 224 4.77 11.57 -9.09
CA LEU A 224 5.40 11.03 -10.32
C LEU A 224 6.89 11.19 -10.21
N LEU A 225 7.57 10.04 -10.22
CA LEU A 225 8.98 10.00 -10.13
C LEU A 225 9.49 9.13 -11.30
N PRO A 226 10.78 9.12 -11.52
CA PRO A 226 11.17 8.15 -12.54
C PRO A 226 11.34 6.73 -11.93
N THR A 227 10.74 5.71 -12.56
CA THR A 227 9.70 5.85 -13.54
C THR A 227 8.71 4.73 -13.21
N PRO A 228 7.39 5.01 -13.21
CA PRO A 228 6.48 3.97 -12.69
C PRO A 228 6.34 2.82 -13.66
N TYR A 229 6.17 1.60 -13.15
CA TYR A 229 5.72 0.47 -14.02
C TYR A 229 4.22 0.33 -14.17
N ALA A 230 3.44 0.96 -13.28
CA ALA A 230 1.99 0.89 -13.34
C ALA A 230 1.51 2.09 -12.54
N SER A 231 0.29 2.51 -12.79
CA SER A 231 -0.32 3.70 -12.19
C SER A 231 -1.83 3.41 -12.20
N GLY A 232 -2.50 3.68 -11.11
CA GLY A 232 -3.90 3.51 -11.05
C GLY A 232 -4.57 4.59 -10.25
N GLN A 233 -5.81 4.94 -10.66
CA GLN A 233 -6.55 5.92 -9.86
C GLN A 233 -7.03 5.37 -8.52
N TYR A 234 -7.23 6.25 -7.56
CA TYR A 234 -8.02 5.96 -6.40
C TYR A 234 -9.52 6.03 -6.67
N PHE A 235 -10.28 5.28 -5.89
CA PHE A 235 -11.75 5.28 -5.87
C PHE A 235 -12.21 5.34 -4.41
N HIS A 236 -13.32 6.06 -4.17
CA HIS A 236 -13.86 6.26 -2.84
C HIS A 236 -15.34 5.86 -2.91
N ARG A 237 -15.83 5.26 -1.82
CA ARG A 237 -17.23 4.94 -1.69
C ARG A 237 -17.72 5.54 -0.42
N SER A 238 -18.61 6.52 -0.52
CA SER A 238 -19.10 7.23 0.66
C SER A 238 -19.95 6.31 1.51
N LEU A 239 -19.70 6.31 2.82
CA LEU A 239 -20.49 5.49 3.73
C LEU A 239 -21.25 6.41 4.67
N ASN A 240 -20.65 7.58 4.97
CA ASN A 240 -21.31 8.57 5.83
C ASN A 240 -21.21 9.91 5.13
N PRO A 241 -22.05 10.12 4.09
CA PRO A 241 -21.87 11.28 3.21
C PRO A 241 -22.12 12.63 3.88
N GLU A 242 -22.97 12.65 4.92
CA GLU A 242 -23.19 13.91 5.68
C GLU A 242 -21.88 14.41 6.34
N LYS A 243 -21.13 13.52 6.99
CA LYS A 243 -19.82 13.86 7.56
C LYS A 243 -18.86 14.24 6.46
N LEU A 244 -18.88 13.49 5.36
CA LEU A 244 -17.97 13.70 4.23
C LEU A 244 -18.13 15.07 3.58
N VAL A 245 -19.38 15.47 3.39
CA VAL A 245 -19.68 16.81 2.89
C VAL A 245 -19.33 17.87 3.95
N GLU A 246 -19.59 17.54 5.21
CA GLU A 246 -19.36 18.48 6.29
C GLU A 246 -17.88 18.87 6.36
N ILE A 247 -16.98 17.89 6.26
CA ILE A 247 -15.54 18.16 6.26
C ILE A 247 -15.02 18.53 4.89
N ARG A 248 -15.89 18.50 3.90
CA ARG A 248 -15.54 18.89 2.51
C ARG A 248 -14.61 17.90 1.80
N PHE A 249 -14.64 16.65 2.24
CA PHE A 249 -14.10 15.57 1.40
C PHE A 249 -14.94 15.41 0.13
N SER A 250 -16.27 15.48 0.27
CA SER A 250 -17.14 15.34 -0.88
C SER A 250 -17.85 16.67 -1.08
N GLY A 251 -18.17 16.95 -2.35
CA GLY A 251 -19.08 18.02 -2.69
C GLY A 251 -20.51 17.48 -2.71
N ILE A 252 -21.46 18.39 -2.94
CA ILE A 252 -22.87 18.07 -3.08
C ILE A 252 -23.15 18.28 -4.56
N PRO A 253 -23.19 17.19 -5.35
CA PRO A 253 -23.24 17.39 -6.81
C PRO A 253 -24.36 18.30 -7.31
N ALA A 254 -24.05 19.03 -8.39
CA ALA A 254 -24.92 20.03 -9.02
C ALA A 254 -26.37 19.59 -9.29
N GLN A 255 -26.56 18.32 -9.61
CA GLN A 255 -27.91 17.79 -9.86
C GLN A 255 -28.72 17.68 -8.56
N TYR A 256 -28.03 17.71 -7.41
CA TYR A 256 -28.70 17.62 -6.08
C TYR A 256 -29.30 18.98 -5.67
N GLN A 257 -28.87 20.04 -6.37
CA GLN A 257 -29.38 21.40 -6.13
C GLN A 257 -30.86 21.40 -6.49
N LYS A 258 -31.14 21.10 -7.76
CA LYS A 258 -32.51 21.04 -8.30
C LYS A 258 -33.48 20.18 -7.44
N PHE A 259 -33.04 19.80 -6.23
CA PHE A 259 -33.81 18.95 -5.33
C PHE A 259 -34.16 19.65 -4.01
N GLN A 260 -35.19 19.16 -3.34
CA GLN A 260 -35.71 19.87 -2.18
C GLN A 260 -34.74 19.91 -0.99
N ASN A 261 -34.35 18.72 -0.50
CA ASN A 261 -33.51 18.53 0.71
C ASN A 261 -32.19 17.73 0.44
N PRO A 262 -31.17 18.39 -0.17
CA PRO A 262 -29.88 17.78 -0.54
C PRO A 262 -29.46 16.51 0.22
N MET A 263 -29.27 16.63 1.53
CA MET A 263 -28.66 15.58 2.32
C MET A 263 -29.50 14.30 2.44
N ALA A 264 -30.83 14.45 2.44
CA ALA A 264 -31.70 13.30 2.57
C ALA A 264 -31.55 12.44 1.31
N MET A 265 -31.47 13.07 0.14
CA MET A 265 -31.19 12.39 -1.14
C MET A 265 -29.80 11.68 -1.13
N LEU A 266 -28.79 12.40 -0.66
CA LEU A 266 -27.42 11.87 -0.63
C LEU A 266 -27.36 10.67 0.32
N LYS A 267 -27.84 10.82 1.56
CA LYS A 267 -27.86 9.71 2.48
C LYS A 267 -28.61 8.51 1.92
N ARG A 268 -29.76 8.77 1.29
CA ARG A 268 -30.54 7.70 0.65
C ARG A 268 -29.76 7.01 -0.49
N ASN A 269 -29.12 7.82 -1.33
CA ASN A 269 -28.32 7.28 -2.39
C ASN A 269 -27.26 6.29 -1.92
N TYR A 270 -26.66 6.56 -0.76
CA TYR A 270 -25.50 5.79 -0.22
C TYR A 270 -25.77 4.76 0.89
N GLN A 271 -27.05 4.66 1.27
CA GLN A 271 -27.47 3.84 2.38
C GLN A 271 -27.14 2.39 2.12
N LEU A 272 -26.87 1.66 3.19
CA LEU A 272 -26.46 0.27 3.14
C LEU A 272 -27.27 -0.57 4.10
N PRO A 273 -27.43 -1.88 3.78
CA PRO A 273 -28.07 -2.72 4.79
C PRO A 273 -27.28 -2.73 6.10
N SER A 274 -27.93 -3.12 7.20
CA SER A 274 -27.27 -3.17 8.53
C SER A 274 -26.44 -4.42 8.71
N ALA A 275 -26.82 -5.51 8.05
CA ALA A 275 -26.11 -6.77 8.24
C ALA A 275 -25.79 -7.33 6.89
N PRO A 276 -24.71 -8.16 6.79
CA PRO A 276 -24.28 -8.74 5.55
C PRO A 276 -25.36 -9.57 4.86
N LYS A 277 -25.25 -9.74 3.54
CA LYS A 277 -26.25 -10.50 2.77
C LYS A 277 -25.81 -11.96 2.58
N ASN A 278 -24.50 -12.23 2.70
CA ASN A 278 -24.06 -13.59 2.54
C ASN A 278 -24.19 -14.35 3.87
N SER A 279 -25.07 -15.37 3.90
CA SER A 279 -25.20 -16.21 5.11
C SER A 279 -23.85 -16.97 5.31
N GLY A 280 -23.42 -17.13 6.54
CA GLY A 280 -22.09 -17.78 6.71
C GLY A 280 -20.88 -16.88 6.43
N LEU A 281 -21.12 -15.58 6.34
CA LEU A 281 -20.05 -14.63 6.56
C LEU A 281 -19.82 -14.55 8.07
N ARG A 282 -18.55 -14.62 8.47
CA ARG A 282 -18.09 -14.43 9.82
C ARG A 282 -16.64 -13.91 9.78
N GLU A 283 -16.20 -13.47 10.93
CA GLU A 283 -14.87 -12.96 11.07
C GLU A 283 -13.87 -14.11 10.91
N MET A 284 -12.77 -13.93 10.19
CA MET A 284 -11.70 -14.90 10.14
C MET A 284 -11.14 -15.25 11.53
N LYS A 285 -10.72 -16.48 11.69
CA LYS A 285 -10.13 -16.95 12.94
C LYS A 285 -8.84 -17.69 12.56
N PRO A 286 -7.95 -17.94 13.56
CA PRO A 286 -6.66 -18.56 13.26
C PRO A 286 -6.79 -19.85 12.44
N SER A 287 -7.80 -20.69 12.68
CA SER A 287 -7.87 -21.94 11.95
C SER A 287 -8.18 -21.77 10.47
N ASP A 288 -8.61 -20.57 10.05
CA ASP A 288 -8.92 -20.34 8.61
C ASP A 288 -7.64 -20.08 7.77
N VAL A 289 -6.51 -19.93 8.45
CA VAL A 289 -5.27 -19.47 7.80
C VAL A 289 -4.94 -20.32 6.60
N PRO A 290 -4.89 -21.68 6.74
CA PRO A 290 -4.49 -22.43 5.55
C PRO A 290 -5.43 -22.28 4.37
N GLN A 291 -6.73 -22.27 4.60
CA GLN A 291 -7.67 -22.18 3.50
C GLN A 291 -7.62 -20.75 2.85
N VAL A 292 -7.43 -19.72 3.65
CA VAL A 292 -7.44 -18.34 3.13
C VAL A 292 -6.17 -18.21 2.30
N ARG A 293 -5.09 -18.73 2.85
CA ARG A 293 -3.86 -18.79 2.03
C ARG A 293 -4.08 -19.39 0.65
N ARG A 294 -4.73 -20.53 0.62
CA ARG A 294 -4.86 -21.27 -0.67
C ARG A 294 -5.81 -20.48 -1.65
N ILE A 295 -6.99 -20.01 -1.24
CA ILE A 295 -7.78 -19.33 -2.25
C ILE A 295 -7.14 -17.95 -2.58
N LEU A 296 -6.44 -17.35 -1.63
CA LEU A 296 -5.70 -16.10 -1.98
C LEU A 296 -4.60 -16.33 -2.96
N MET A 297 -3.73 -17.31 -2.68
CA MET A 297 -2.63 -17.61 -3.58
C MET A 297 -3.11 -17.98 -4.98
N ASN A 298 -4.17 -18.76 -5.04
CA ASN A 298 -4.75 -19.15 -6.35
C ASN A 298 -5.16 -17.92 -7.17
N TYR A 299 -5.84 -16.99 -6.50
CA TYR A 299 -6.33 -15.76 -7.14
C TYR A 299 -5.14 -14.85 -7.49
N LEU A 300 -4.24 -14.60 -6.56
CA LEU A 300 -3.15 -13.63 -6.81
C LEU A 300 -2.22 -14.16 -7.87
N ASP A 301 -2.12 -15.47 -7.93
CA ASP A 301 -1.27 -16.05 -8.94
C ASP A 301 -1.63 -15.70 -10.39
N SER A 302 -2.87 -15.33 -10.66
CA SER A 302 -3.25 -14.91 -12.01
C SER A 302 -2.64 -13.55 -12.45
N PHE A 303 -2.15 -12.74 -11.52
CA PHE A 303 -1.67 -11.40 -11.86
C PHE A 303 -0.20 -11.41 -12.19
N ASP A 304 0.27 -10.45 -12.99
CA ASP A 304 1.73 -10.40 -13.28
C ASP A 304 2.63 -10.05 -12.12
N VAL A 305 2.22 -9.09 -11.27
CA VAL A 305 3.05 -8.67 -10.15
C VAL A 305 2.24 -8.96 -8.88
N GLY A 306 2.78 -9.74 -7.96
CA GLY A 306 1.96 -10.02 -6.77
C GLY A 306 2.73 -10.73 -5.68
N PRO A 307 2.31 -10.56 -4.43
CA PRO A 307 3.07 -11.12 -3.35
C PRO A 307 2.79 -12.63 -3.16
N VAL A 308 3.71 -13.32 -2.47
CA VAL A 308 3.48 -14.74 -2.07
C VAL A 308 3.61 -14.78 -0.56
N PHE A 309 2.63 -15.37 0.10
CA PHE A 309 2.59 -15.30 1.55
C PHE A 309 2.70 -16.74 2.12
N SER A 310 3.46 -16.90 3.20
CA SER A 310 3.43 -18.15 4.01
C SER A 310 2.20 -18.12 4.93
N ASP A 311 1.94 -19.23 5.63
CA ASP A 311 0.85 -19.19 6.65
C ASP A 311 1.12 -18.06 7.67
N ALA A 312 2.35 -17.91 8.18
CA ALA A 312 2.65 -16.90 9.23
C ALA A 312 2.35 -15.47 8.68
N GLU A 313 2.62 -15.26 7.40
CA GLU A 313 2.26 -13.95 6.78
C GLU A 313 0.81 -13.73 6.55
N ILE A 314 0.10 -14.81 6.20
CA ILE A 314 -1.34 -14.76 6.16
C ILE A 314 -1.93 -14.42 7.52
N SER A 315 -1.46 -15.04 8.64
CA SER A 315 -2.02 -14.67 9.95
C SER A 315 -1.67 -13.25 10.27
N HIS A 316 -0.42 -12.89 10.05
CA HIS A 316 -0.04 -11.54 10.43
C HIS A 316 -0.88 -10.51 9.65
N TYR A 317 -0.93 -10.65 8.32
CA TYR A 317 -1.59 -9.60 7.51
C TYR A 317 -3.08 -9.63 7.45
N LEU A 318 -3.72 -10.80 7.74
CA LEU A 318 -5.19 -10.92 7.61
C LEU A 318 -5.95 -11.22 8.92
N LEU A 319 -5.35 -11.87 9.92
CA LEU A 319 -6.07 -12.08 11.22
C LEU A 319 -6.58 -10.76 11.81
N PRO A 320 -7.88 -10.71 12.11
CA PRO A 320 -8.43 -9.46 12.65
C PRO A 320 -7.54 -8.89 13.76
N ARG A 321 -7.33 -7.57 13.72
CA ARG A 321 -6.65 -6.86 14.81
C ARG A 321 -7.40 -5.57 15.08
N ASP A 322 -7.73 -5.30 16.34
CA ASP A 322 -8.63 -4.19 16.73
C ASP A 322 -8.19 -2.83 16.24
N GLY A 323 -9.14 -2.15 15.59
CA GLY A 323 -8.93 -0.88 14.85
C GLY A 323 -7.86 -0.84 13.75
N VAL A 324 -7.38 -2.01 13.32
CA VAL A 324 -6.26 -2.09 12.36
C VAL A 324 -6.70 -2.84 11.09
N VAL A 325 -7.01 -4.12 11.21
CA VAL A 325 -7.37 -4.92 10.04
C VAL A 325 -8.57 -5.81 10.45
N PHE A 326 -9.42 -6.06 9.46
CA PHE A 326 -10.79 -6.46 9.64
C PHE A 326 -10.93 -7.46 8.51
N THR A 327 -11.17 -8.73 8.81
CA THR A 327 -11.18 -9.76 7.78
C THR A 327 -12.32 -10.75 8.02
N TYR A 328 -13.04 -11.11 6.98
CA TYR A 328 -14.20 -11.93 7.08
C TYR A 328 -14.13 -12.94 6.02
N VAL A 329 -14.61 -14.13 6.34
CA VAL A 329 -14.64 -15.26 5.39
C VAL A 329 -16.08 -15.68 5.18
N VAL A 330 -16.36 -16.18 3.98
CA VAL A 330 -17.59 -16.91 3.72
C VAL A 330 -17.30 -18.41 3.89
N GLU A 331 -18.02 -19.02 4.80
CA GLU A 331 -17.80 -20.42 5.00
C GLU A 331 -19.08 -21.14 4.70
N ASN A 332 -19.00 -22.14 3.85
CA ASN A 332 -20.15 -23.01 3.66
C ASN A 332 -19.79 -24.49 3.59
N ASP A 333 -20.61 -25.28 4.29
CA ASP A 333 -20.35 -26.70 4.60
C ASP A 333 -18.94 -26.84 5.17
N LYS A 334 -18.68 -26.08 6.24
CA LYS A 334 -17.36 -26.02 6.92
C LYS A 334 -16.11 -25.69 6.05
N LYS A 335 -16.34 -25.23 4.82
CA LYS A 335 -15.24 -24.83 3.94
C LYS A 335 -15.28 -23.30 3.70
N VAL A 336 -14.12 -22.65 3.82
CA VAL A 336 -13.96 -21.23 3.41
C VAL A 336 -13.93 -21.15 1.89
N THR A 337 -14.94 -20.53 1.28
CA THR A 337 -14.95 -20.36 -0.15
C THR A 337 -14.65 -18.93 -0.67
N ASP A 338 -14.84 -17.92 0.16
CA ASP A 338 -14.52 -16.52 -0.21
C ASP A 338 -14.03 -15.81 1.04
N PHE A 339 -13.28 -14.71 0.87
CA PHE A 339 -12.96 -13.84 2.01
C PHE A 339 -12.70 -12.42 1.48
N PHE A 340 -12.80 -11.46 2.39
CA PHE A 340 -12.34 -10.07 2.11
C PHE A 340 -11.68 -9.50 3.34
N SER A 341 -10.79 -8.53 3.13
CA SER A 341 -10.25 -7.79 4.30
C SER A 341 -10.22 -6.30 3.96
N PHE A 342 -10.28 -5.45 5.00
CA PHE A 342 -9.92 -4.04 4.81
C PHE A 342 -9.12 -3.57 6.01
N TYR A 343 -8.29 -2.48 5.84
CA TYR A 343 -7.56 -1.90 7.00
C TYR A 343 -8.02 -0.43 7.19
N ARG A 344 -7.70 0.12 8.36
CA ARG A 344 -8.21 1.39 8.77
C ARG A 344 -7.04 2.32 8.82
N ILE A 345 -7.18 3.48 8.16
CA ILE A 345 -6.28 4.57 8.36
C ILE A 345 -7.15 5.78 8.54
N PRO A 346 -7.14 6.34 9.73
CA PRO A 346 -7.88 7.59 9.84
C PRO A 346 -7.07 8.77 9.30
N SER A 347 -7.76 9.81 8.84
CA SER A 347 -7.09 10.98 8.39
C SER A 347 -7.46 12.10 9.34
N THR A 348 -6.46 12.90 9.69
CA THR A 348 -6.65 14.15 10.42
C THR A 348 -7.35 15.13 9.51
N VAL A 349 -8.40 15.77 10.01
CA VAL A 349 -9.09 16.79 9.25
C VAL A 349 -8.46 18.11 9.72
N ILE A 350 -7.68 18.74 8.85
CA ILE A 350 -6.77 19.82 9.22
C ILE A 350 -7.41 21.17 9.54
N GLY A 351 -8.47 21.55 8.85
CA GLY A 351 -9.14 22.82 9.21
C GLY A 351 -10.13 22.69 10.40
N ASN A 352 -11.41 22.57 9.99
CA ASN A 352 -12.62 22.18 10.79
C ASN A 352 -12.53 22.20 12.33
N SER A 353 -13.45 22.97 12.96
CA SER A 353 -13.63 22.96 14.42
C SER A 353 -14.49 21.77 14.95
N ASN A 354 -15.43 21.27 14.13
CA ASN A 354 -16.36 20.15 14.51
C ASN A 354 -15.81 18.69 14.44
N TYR A 355 -14.92 18.42 13.49
CA TYR A 355 -14.39 17.07 13.31
C TYR A 355 -12.86 16.96 13.44
N ASN A 356 -12.43 15.93 14.15
CA ASN A 356 -11.01 15.69 14.32
C ASN A 356 -10.50 14.85 13.13
N LEU A 357 -11.22 13.76 12.86
CA LEU A 357 -10.73 12.64 12.05
C LEU A 357 -11.78 12.17 11.06
N LEU A 358 -11.28 11.61 9.99
CA LEU A 358 -12.14 10.97 9.04
C LEU A 358 -11.67 9.51 9.08
N ASN A 359 -12.60 8.58 9.22
CA ASN A 359 -12.29 7.19 9.45
C ASN A 359 -12.45 6.41 8.11
N ALA A 360 -11.34 6.03 7.48
CA ALA A 360 -11.40 5.40 6.11
C ALA A 360 -10.98 3.92 6.26
N ALA A 361 -11.72 3.05 5.59
CA ALA A 361 -11.42 1.67 5.36
C ALA A 361 -10.82 1.54 3.96
N TYR A 362 -9.76 0.74 3.84
CA TYR A 362 -9.08 0.55 2.57
C TYR A 362 -9.25 -0.90 2.23
N VAL A 363 -9.72 -1.16 1.02
CA VAL A 363 -9.85 -2.55 0.52
C VAL A 363 -8.48 -3.18 0.50
N HIS A 364 -8.35 -4.36 1.15
CA HIS A 364 -7.10 -5.03 1.30
C HIS A 364 -7.24 -6.29 0.38
N TYR A 365 -6.67 -7.46 0.71
CA TYR A 365 -6.79 -8.63 -0.22
C TYR A 365 -8.18 -9.25 -0.08
N TYR A 366 -8.62 -9.98 -1.08
CA TYR A 366 -9.87 -10.69 -0.98
C TYR A 366 -9.73 -11.83 -1.95
N ALA A 367 -10.73 -12.74 -2.00
CA ALA A 367 -10.82 -13.71 -3.12
C ALA A 367 -12.25 -14.22 -3.10
N ALA A 368 -12.85 -14.37 -4.28
CA ALA A 368 -14.21 -14.88 -4.45
C ALA A 368 -14.18 -16.14 -5.30
N THR A 369 -14.84 -17.23 -4.84
CA THR A 369 -14.99 -18.41 -5.69
C THR A 369 -16.46 -18.81 -5.86
N SER A 370 -17.34 -18.41 -4.94
CA SER A 370 -18.71 -18.93 -5.01
C SER A 370 -19.73 -17.88 -5.35
N ILE A 371 -19.31 -16.62 -5.44
CA ILE A 371 -20.29 -15.50 -5.64
C ILE A 371 -19.59 -14.39 -6.44
N PRO A 372 -20.37 -13.52 -7.13
CA PRO A 372 -19.69 -12.47 -7.88
C PRO A 372 -19.00 -11.58 -6.86
N LEU A 373 -17.85 -11.10 -7.25
CA LEU A 373 -17.10 -10.14 -6.46
C LEU A 373 -17.95 -9.00 -5.92
N HIS A 374 -18.84 -8.42 -6.75
CA HIS A 374 -19.63 -7.27 -6.29
C HIS A 374 -20.50 -7.63 -5.10
N GLN A 375 -21.01 -8.86 -5.09
CA GLN A 375 -21.77 -9.32 -3.92
C GLN A 375 -20.88 -9.48 -2.67
N LEU A 376 -19.67 -9.94 -2.90
CA LEU A 376 -18.75 -10.11 -1.78
C LEU A 376 -18.33 -8.75 -1.18
N ILE A 377 -17.99 -7.79 -2.04
CA ILE A 377 -17.52 -6.50 -1.57
C ILE A 377 -18.66 -5.63 -1.08
N LEU A 378 -19.91 -5.90 -1.49
CA LEU A 378 -21.07 -5.26 -0.79
C LEU A 378 -21.08 -5.54 0.71
N ASP A 379 -20.87 -6.78 1.09
CA ASP A 379 -20.63 -7.09 2.52
C ASP A 379 -19.48 -6.33 3.22
N LEU A 380 -18.37 -6.15 2.53
CA LEU A 380 -17.29 -5.31 3.03
C LEU A 380 -17.82 -3.91 3.35
N LEU A 381 -18.48 -3.29 2.37
CA LEU A 381 -19.07 -1.97 2.60
C LEU A 381 -20.07 -2.00 3.75
N ILE A 382 -20.92 -3.03 3.78
CA ILE A 382 -21.88 -3.14 4.89
C ILE A 382 -21.20 -3.21 6.26
N VAL A 383 -20.22 -4.12 6.39
CA VAL A 383 -19.48 -4.27 7.67
C VAL A 383 -18.76 -2.96 8.03
N ALA A 384 -18.09 -2.34 7.04
CA ALA A 384 -17.34 -1.09 7.31
C ALA A 384 -18.30 -0.01 7.83
N HIS A 385 -19.41 0.15 7.12
CA HIS A 385 -20.35 1.18 7.49
C HIS A 385 -20.80 0.87 8.92
N SER A 386 -21.20 -0.37 9.15
CA SER A 386 -21.71 -0.83 10.43
C SER A 386 -20.72 -0.58 11.59
N ARG A 387 -19.41 -0.55 11.28
CA ARG A 387 -18.44 -0.32 12.34
C ARG A 387 -17.98 1.12 12.38
N GLY A 388 -18.70 2.02 11.73
CA GLY A 388 -18.36 3.41 11.95
C GLY A 388 -17.40 4.07 10.98
N PHE A 389 -17.07 3.42 9.88
CA PHE A 389 -16.18 4.06 8.87
C PHE A 389 -16.94 5.07 8.02
N ASP A 390 -16.27 6.12 7.53
CA ASP A 390 -16.91 7.21 6.75
C ASP A 390 -16.82 7.03 5.25
N VAL A 391 -15.82 6.28 4.79
CA VAL A 391 -15.58 6.09 3.36
C VAL A 391 -14.79 4.78 3.23
N CYS A 392 -14.93 4.13 2.07
CA CYS A 392 -14.12 2.98 1.76
C CYS A 392 -13.33 3.36 0.49
N ASN A 393 -12.03 3.10 0.52
CA ASN A 393 -11.11 3.58 -0.53
C ASN A 393 -10.42 2.39 -1.16
N MET A 394 -10.02 2.54 -2.40
CA MET A 394 -9.18 1.53 -2.98
C MET A 394 -8.47 2.12 -4.20
N VAL A 395 -7.50 1.38 -4.73
CA VAL A 395 -6.91 1.69 -6.04
C VAL A 395 -7.38 0.62 -6.99
N GLU A 396 -7.39 0.96 -8.29
CA GLU A 396 -7.97 0.08 -9.32
C GLU A 396 -6.97 -1.04 -9.61
N ILE A 397 -6.42 -1.70 -8.60
CA ILE A 397 -5.58 -2.89 -8.85
C ILE A 397 -6.50 -4.12 -8.70
N LEU A 398 -5.91 -5.33 -8.68
CA LEU A 398 -6.73 -6.56 -8.55
C LEU A 398 -7.92 -6.48 -9.57
N ASP A 399 -9.10 -6.98 -9.19
CA ASP A 399 -10.31 -6.84 -10.03
C ASP A 399 -11.21 -5.78 -9.47
N ASN A 400 -10.58 -4.77 -8.84
CA ASN A 400 -11.30 -3.68 -8.16
C ASN A 400 -12.17 -2.88 -9.15
N ARG A 401 -11.73 -2.69 -10.40
CA ARG A 401 -12.64 -2.06 -11.40
C ARG A 401 -13.96 -2.79 -11.55
N SER A 402 -13.99 -4.10 -11.22
CA SER A 402 -15.19 -4.91 -11.56
C SER A 402 -16.42 -4.56 -10.75
N PHE A 403 -16.26 -3.82 -9.65
CA PHE A 403 -17.40 -3.51 -8.84
C PHE A 403 -17.66 -2.04 -8.61
N VAL A 404 -16.87 -1.19 -9.22
CA VAL A 404 -16.94 0.24 -9.02
C VAL A 404 -18.31 0.77 -9.25
N GLU A 405 -18.89 0.45 -10.40
CA GLU A 405 -20.16 1.10 -10.75
C GLU A 405 -21.26 0.57 -9.87
N GLN A 406 -21.31 -0.72 -9.74
CA GLN A 406 -22.44 -1.25 -9.04
C GLN A 406 -22.46 -0.93 -7.54
N LEU A 407 -21.30 -0.71 -6.95
CA LEU A 407 -21.29 -0.37 -5.53
C LEU A 407 -21.15 1.13 -5.30
N LYS A 408 -21.22 1.93 -6.39
CA LYS A 408 -21.27 3.37 -6.24
C LYS A 408 -19.95 3.97 -5.71
N PHE A 409 -18.80 3.38 -6.07
CA PHE A 409 -17.49 4.03 -5.89
C PHE A 409 -17.36 5.09 -6.98
N GLY A 410 -16.72 6.21 -6.66
CA GLY A 410 -16.32 7.19 -7.67
C GLY A 410 -14.80 7.37 -7.65
N ALA A 411 -14.23 7.70 -8.83
CA ALA A 411 -12.82 7.96 -8.96
C ALA A 411 -12.48 9.19 -8.12
N GLY A 412 -11.36 9.13 -7.37
CA GLY A 412 -10.89 10.31 -6.60
C GLY A 412 -9.85 11.16 -7.32
N ASP A 413 -9.16 12.01 -6.56
CA ASP A 413 -8.01 12.78 -7.04
C ASP A 413 -6.74 11.97 -7.15
N GLY A 414 -5.89 12.32 -8.09
CA GLY A 414 -4.62 11.62 -8.26
C GLY A 414 -4.62 10.07 -8.27
N HIS A 415 -3.40 9.57 -8.22
CA HIS A 415 -3.10 8.22 -8.67
C HIS A 415 -2.08 7.62 -7.71
N LEU A 416 -2.12 6.30 -7.53
CA LEU A 416 -1.02 5.62 -6.84
C LEU A 416 -0.03 5.03 -7.93
N ARG A 417 1.25 5.35 -7.87
CA ARG A 417 2.16 4.87 -8.90
C ARG A 417 2.97 3.80 -8.28
N TYR A 418 3.25 2.75 -9.05
CA TYR A 418 4.05 1.63 -8.55
C TYR A 418 5.46 1.66 -9.16
N TYR A 419 6.47 1.36 -8.35
CA TYR A 419 7.88 1.52 -8.79
C TYR A 419 8.70 0.39 -8.35
N PHE A 420 9.70 0.01 -9.17
CA PHE A 420 10.75 -0.84 -8.66
C PHE A 420 12.03 -0.05 -8.57
N TYR A 421 12.86 -0.42 -7.58
CA TYR A 421 14.22 -0.01 -7.51
C TYR A 421 15.13 -1.14 -8.06
N ASN A 422 16.00 -0.82 -8.99
CA ASN A 422 16.95 -1.79 -9.60
C ASN A 422 16.26 -2.97 -10.30
N TRP A 423 15.21 -2.71 -11.03
CA TRP A 423 14.44 -3.75 -11.74
C TRP A 423 13.81 -3.13 -12.97
N ALA A 424 14.24 -3.58 -14.16
CA ALA A 424 13.67 -3.13 -15.41
C ALA A 424 12.42 -3.98 -15.53
N TYR A 425 11.31 -3.37 -15.94
CA TYR A 425 10.03 -4.03 -15.99
C TYR A 425 9.19 -3.29 -17.03
N PRO A 426 8.49 -4.02 -17.91
CA PRO A 426 7.65 -3.26 -18.84
C PRO A 426 6.51 -2.54 -18.08
N LYS A 427 5.85 -1.64 -18.79
CA LYS A 427 4.78 -0.86 -18.25
C LYS A 427 3.60 -1.81 -18.32
N ILE A 428 2.86 -1.95 -17.23
CA ILE A 428 1.68 -2.80 -17.19
C ILE A 428 0.47 -2.03 -16.70
N LYS A 429 -0.73 -2.56 -16.94
CA LYS A 429 -1.90 -1.95 -16.41
C LYS A 429 -2.06 -2.26 -14.90
N PRO A 430 -2.82 -1.40 -14.19
CA PRO A 430 -2.95 -1.59 -12.73
C PRO A 430 -3.72 -2.83 -12.43
N SER A 431 -4.57 -3.27 -13.38
CA SER A 431 -5.35 -4.49 -13.21
C SER A 431 -4.46 -5.72 -13.33
N GLN A 432 -3.18 -5.53 -13.64
CA GLN A 432 -2.23 -6.69 -13.62
C GLN A 432 -1.37 -6.69 -12.35
N VAL A 433 -1.72 -5.81 -11.40
CA VAL A 433 -0.97 -5.68 -10.07
C VAL A 433 -1.77 -6.22 -8.90
N ALA A 434 -1.18 -7.12 -8.13
CA ALA A 434 -1.91 -7.67 -6.96
C ALA A 434 -1.24 -7.37 -5.60
N LEU A 435 -0.29 -6.43 -5.56
CA LEU A 435 0.32 -5.99 -4.32
C LEU A 435 -0.48 -4.76 -3.80
N VAL A 436 -1.05 -4.92 -2.63
CA VAL A 436 -1.76 -3.84 -1.98
C VAL A 436 -0.75 -3.17 -1.06
N MET A 437 -0.70 -1.86 -1.08
CA MET A 437 0.18 -1.15 -0.15
C MET A 437 -0.59 -0.56 1.03
N LEU A 438 0.05 -0.67 2.18
CA LEU A 438 -0.43 -0.14 3.43
C LEU A 438 -0.18 1.38 3.49
S1 MYA B . 5.75 7.67 -0.66
C2 MYA B . 5.41 8.83 0.68
C3 MYA B . 6.46 9.92 0.76
N4 MYA B . 6.16 10.74 1.98
C5 MYA B . 5.52 11.89 1.97
O5 MYA B . 5.12 12.36 0.89
C6 MYA B . 5.32 12.61 3.30
C7 MYA B . 5.34 14.15 3.13
N8 MYA B . 6.58 14.53 2.46
C9 MYA B . 7.80 14.41 3.00
O9 MYA B . 7.95 13.94 4.13
C10 MYA B . 8.99 14.87 2.19
O10 MYA B . 8.51 15.88 1.31
C11 MYA B . 9.71 13.75 1.39
C12 MYA B . 10.73 14.42 0.44
C13 MYA B . 8.71 12.91 0.58
C14 MYA B . 10.45 12.79 2.34
N1A MYA B . 9.83 9.24 -3.06
O1A MYA B . 15.13 17.92 -0.65
P1A MYA B . 14.50 16.59 -0.35
C1X MYA B . 12.84 13.14 -4.25
C2A MYA B . 11.08 9.21 -3.55
O2A MYA B . 14.89 15.96 0.97
P2A MYA B . 11.89 16.76 0.82
C2M MYA B . 6.77 6.54 0.07
O2M MYA B . 6.94 6.44 1.25
C2X MYA B . 12.68 14.35 -5.17
O2X MYA B . 12.33 13.87 -6.47
N3A MYA B . 11.70 10.35 -3.79
O3A MYA B . 12.90 16.75 -0.46
C3M MYA B . 7.60 5.63 -0.83
C3X MYA B . 14.10 14.88 -5.08
O3X MYA B . 15.01 14.05 -5.78
P3X MYA B . 15.52 14.62 -7.20
C4A MYA B . 11.06 11.54 -3.59
O4A MYA B . 10.63 17.33 0.32
C4M MYA B . 8.99 6.30 -0.89
C4X MYA B . 14.52 14.67 -3.65
O4X MYA B . 13.57 13.68 -3.17
C5A MYA B . 9.77 11.58 -3.10
O5A MYA B . 12.58 17.38 1.96
C5M MYA B . 10.01 5.50 -1.76
C5X MYA B . 14.42 15.98 -2.88
O5X MYA B . 14.85 15.65 -1.61
C6A MYA B . 9.14 10.38 -2.86
N6A MYA B . 7.87 10.26 -2.39
O6A MYA B . 11.65 15.22 1.23
C6M MYA B . 11.45 6.07 -1.48
N7A MYA B . 9.44 12.89 -3.00
O7A MYA B . 16.30 15.89 -6.81
C7M MYA B . 12.48 5.42 -2.45
C8A MYA B . 10.49 13.66 -3.41
O8A MYA B . 14.23 14.71 -8.16
C8M MYA B . 12.90 4.02 -2.00
N9A MYA B . 11.49 12.79 -3.74
O9A MYA B . 16.29 13.49 -8.04
C9M MYA B . 13.79 3.34 -3.09
CAM MYA B . 14.29 1.89 -2.72
CBM MYA B . 15.21 2.01 -1.50
CCM MYA B . 15.70 0.59 -1.05
CDM MYA B . 16.35 -0.16 -2.22
CEM MYA B . 16.86 -1.54 -1.70
CFM MYA B . 17.27 -2.39 -2.89
CAJ N8N C . -6.76 8.88 0.98
CAJ N8N C . -7.81 10.41 -0.70
CAO N8N C . -6.11 8.41 -0.16
CAO N8N C . -7.12 9.75 -1.73
CL N8N C . -5.00 7.08 -0.01
CL N8N C . -7.07 10.43 -3.33
CAG N8N C . -6.34 9.00 -1.40
CAG N8N C . -6.46 8.55 -1.45
CAE N8N C . -7.24 10.08 -1.50
CAE N8N C . -6.49 8.01 -0.16
CAH N8N C . -7.87 10.56 -0.35
CAH N8N C . -7.19 8.66 0.86
CAP N8N C . -7.68 9.93 0.89
CAP N8N C . -7.86 9.86 0.58
NAS N8N C . -8.26 10.43 1.99
NAS N8N C . -8.51 10.51 1.56
CAN N8N C . -8.85 9.73 3.01
CAN N8N C . -9.52 9.95 2.25
OAA N8N C . -9.06 8.53 2.98
OAA N8N C . -9.87 8.79 2.07
CAK N8N C . -9.32 10.58 4.21
CAK N8N C . -10.18 10.81 3.35
SAM N8N C . -9.11 12.30 3.65
SAM N8N C . -9.26 12.38 3.29
CAR N8N C . -8.02 11.88 2.24
CAR N8N C . -8.16 11.94 1.90
CAQ N8N C . -6.52 12.07 2.51
CAQ N8N C . -6.68 12.05 2.27
CAI N8N C . -5.74 12.62 1.51
CAI N8N C . -5.81 12.65 1.37
CAD N8N C . -4.36 12.80 1.69
CAD N8N C . -4.46 12.76 1.67
CAC N8N C . -3.83 12.39 2.92
CAC N8N C . -4.03 12.27 2.89
CAF N8N C . -4.66 11.85 3.90
CAF N8N C . -4.94 11.70 3.79
NAL N8N C . -5.95 11.68 3.69
NAL N8N C . -6.23 11.60 3.46
#